data_6PMO
#
_entry.id   6PMO
#
_cell.length_a   44.851
_cell.length_b   139.913
_cell.length_c   136.023
_cell.angle_alpha   90.000
_cell.angle_beta   90.000
_cell.angle_gamma   90.000
#
_symmetry.space_group_name_H-M   'C 2 2 21'
#
loop_
_entity.id
_entity.type
_entity.pdbx_description
1 polymer tRNA-Gly
2 polymer 'T-box riboswitch discriminator'
3 non-polymer 'IRIDIUM ION'
4 non-polymer 'MAGNESIUM ION'
5 water water
#
loop_
_entity_poly.entity_id
_entity_poly.type
_entity_poly.pdbx_seq_one_letter_code
_entity_poly.pdbx_strand_id
1 'polyribonucleotide' GCGGAAGUAGUUCAGUGGUAGAACACCACCUUGCCAAGGUGGGGGUCGCGGGUUCGAAUCCCGUCUUCCGCUCCA B
2 'polyribonucleotide' GAAAGUGGGUGCGCGUUUGGCGCAUCAACUCGGGUGGAACCGCGGGAGCUACGCUCUCGUCCCGAG A
#
loop_
_chem_comp.id
_chem_comp.type
_chem_comp.name
_chem_comp.formula
A RNA linking ADENOSINE-5'-MONOPHOSPHATE 'C10 H14 N5 O7 P'
C RNA linking CYTIDINE-5'-MONOPHOSPHATE 'C9 H14 N3 O8 P'
G RNA linking GUANOSINE-5'-MONOPHOSPHATE 'C10 H14 N5 O8 P'
IR non-polymer 'IRIDIUM ION' 'Ir 4'
MG non-polymer 'MAGNESIUM ION' 'Mg 2'
U RNA linking URIDINE-5'-MONOPHOSPHATE 'C9 H13 N2 O9 P'
#
# COMPACT_ATOMS: atom_id res chain seq x y z
IR IR C . 4.62 -1.61 -5.56
IR IR D . 9.06 10.43 -5.97
IR IR E . -1.50 8.82 -23.66
IR IR F . -9.13 23.14 -9.30
IR IR G . -0.05 12.38 2.06
IR IR H . -5.91 3.37 -11.40
IR IR I . 8.10 6.43 -8.08
IR IR J . -25.56 20.98 -4.05
IR IR K . -15.00 21.26 -8.20
MG MG L . 3.66 -10.42 -2.23
MG MG M . 5.22 12.02 -2.55
IR IR N . 20.32 9.85 -19.56
IR IR O . -2.99 -17.16 29.77
IR IR P . -5.97 -25.58 14.47
MG MG Q . 6.68 -25.61 20.11
MG MG R . -3.23 -16.43 9.49
IR IR S . 11.68 -31.86 24.68
#